data_8HQ9
#
_entry.id   8HQ9
#
_cell.length_a   60.420
_cell.length_b   106.950
_cell.length_c   117.120
_cell.angle_alpha   90.00
_cell.angle_beta   90.00
_cell.angle_gamma   90.00
#
_symmetry.space_group_name_H-M   'P 21 2 21'
#
loop_
_entity.id
_entity.type
_entity.pdbx_description
1 polymer 'Intermembrane phospholipid transport system binding protein MlaD'
2 non-polymer 'MAGNESIUM ION'
3 non-polymer 'CARBON DIOXIDE'
4 water water
#
_entity_poly.entity_id   1
_entity_poly.type   'polypeptide(L)'
_entity_poly.pdbx_seq_one_letter_code
;MHHHHHHANVTSIRTEPTYTLYATFDNIGGLKARSPVSIGGVVVGRVADITLDPKTYLPRVTLEIEQRYNHIPDTSSLSI
RTSGLLGEQYLALNVGFEDPELGTAILKDGDTIQDTKSAMVLEDLIGQFLYGSKGDDNKNSGDAPAAAPGNNETTEPVGT
TK
;
_entity_poly.pdbx_strand_id   A,B,C,D,E,F
#
loop_
_chem_comp.id
_chem_comp.type
_chem_comp.name
_chem_comp.formula
CO2 non-polymer 'CARBON DIOXIDE' 'C O2'
MG non-polymer 'MAGNESIUM ION' 'Mg 2'
#
# COMPACT_ATOMS: atom_id res chain seq x y z
N GLU A 16 12.04 -2.35 -28.88
CA GLU A 16 10.58 -2.68 -28.78
C GLU A 16 9.75 -1.51 -29.30
N PRO A 17 8.70 -1.79 -30.11
CA PRO A 17 7.68 -0.80 -30.37
C PRO A 17 6.86 -0.56 -29.09
N THR A 18 6.39 0.68 -28.93
CA THR A 18 5.62 1.14 -27.78
C THR A 18 4.32 1.79 -28.23
N TYR A 19 3.40 2.02 -27.30
CA TYR A 19 2.22 2.91 -27.47
C TYR A 19 2.22 3.95 -26.35
N THR A 20 1.53 5.06 -26.58
CA THR A 20 1.61 6.26 -25.72
C THR A 20 0.32 6.35 -24.90
N LEU A 21 0.49 6.60 -23.60
CA LEU A 21 -0.63 6.92 -22.70
C LEU A 21 -0.33 8.25 -22.02
N TYR A 22 -1.35 8.94 -21.59
CA TYR A 22 -1.24 10.24 -20.91
C TYR A 22 -1.88 10.10 -19.54
N ALA A 23 -1.47 10.95 -18.60
CA ALA A 23 -1.98 10.95 -17.22
C ALA A 23 -1.69 12.34 -16.64
N THR A 24 -2.63 12.83 -15.83
CA THR A 24 -2.49 14.06 -15.04
C THR A 24 -2.38 13.69 -13.57
N PHE A 25 -1.40 14.29 -12.88
CA PHE A 25 -1.20 14.19 -11.41
C PHE A 25 -1.35 15.58 -10.80
N ASP A 26 -1.73 15.66 -9.53
CA ASP A 26 -1.66 16.89 -8.74
C ASP A 26 -0.19 17.21 -8.46
N ASN A 27 0.63 16.21 -8.22
CA ASN A 27 2.07 16.40 -7.90
C ASN A 27 2.88 15.21 -8.38
N ILE A 28 3.90 15.42 -9.20
CA ILE A 28 4.75 14.32 -9.75
C ILE A 28 6.04 14.15 -8.92
N GLY A 29 6.20 14.89 -7.83
CA GLY A 29 7.37 14.76 -6.94
C GLY A 29 8.68 14.74 -7.72
N GLY A 30 9.49 13.70 -7.53
CA GLY A 30 10.81 13.54 -8.17
C GLY A 30 10.75 12.84 -9.51
N LEU A 31 9.56 12.57 -10.05
CA LEU A 31 9.42 11.85 -11.35
C LEU A 31 10.07 12.71 -12.44
N LYS A 32 10.85 12.09 -13.32
CA LYS A 32 11.53 12.77 -14.46
C LYS A 32 11.38 11.91 -15.71
N ALA A 33 11.65 12.47 -16.87
CA ALA A 33 11.64 11.72 -18.15
C ALA A 33 12.63 10.57 -18.01
N ARG A 34 12.31 9.41 -18.60
CA ARG A 34 13.15 8.18 -18.58
C ARG A 34 12.93 7.41 -17.25
N SER A 35 12.14 7.92 -16.30
CA SER A 35 11.66 7.16 -15.13
C SER A 35 10.89 5.92 -15.60
N PRO A 36 11.13 4.75 -14.98
CA PRO A 36 10.38 3.56 -15.34
C PRO A 36 8.90 3.58 -14.98
N VAL A 37 8.12 2.86 -15.78
CA VAL A 37 6.71 2.45 -15.51
C VAL A 37 6.73 0.93 -15.30
N SER A 38 6.20 0.45 -14.18
CA SER A 38 6.27 -0.99 -13.81
C SER A 38 4.87 -1.55 -13.53
N ILE A 39 4.70 -2.85 -13.75
CA ILE A 39 3.55 -3.65 -13.33
C ILE A 39 4.11 -4.76 -12.46
N GLY A 40 3.60 -4.90 -11.24
CA GLY A 40 4.17 -5.79 -10.22
C GLY A 40 5.69 -5.68 -10.13
N GLY A 41 6.25 -4.48 -10.28
CA GLY A 41 7.69 -4.26 -10.17
C GLY A 41 8.47 -4.64 -11.43
N VAL A 42 7.82 -5.06 -12.50
CA VAL A 42 8.53 -5.34 -13.78
C VAL A 42 8.33 -4.14 -14.68
N VAL A 43 9.42 -3.68 -15.29
CA VAL A 43 9.38 -2.52 -16.19
C VAL A 43 8.66 -2.91 -17.48
N VAL A 44 7.60 -2.17 -17.79
CA VAL A 44 6.78 -2.28 -19.03
C VAL A 44 6.88 -1.00 -19.86
N GLY A 45 7.50 0.07 -19.36
CA GLY A 45 7.81 1.25 -20.19
C GLY A 45 8.53 2.35 -19.44
N ARG A 46 8.39 3.58 -19.95
CA ARG A 46 9.14 4.79 -19.57
C ARG A 46 8.22 6.00 -19.56
N VAL A 47 8.45 6.95 -18.66
CA VAL A 47 7.98 8.35 -18.79
C VAL A 47 8.72 8.94 -19.98
N ALA A 48 8.00 9.41 -20.98
CA ALA A 48 8.54 10.05 -22.20
C ALA A 48 8.67 11.55 -21.99
N ASP A 49 7.66 12.19 -21.43
CA ASP A 49 7.64 13.67 -21.26
CA ASP A 49 7.64 13.66 -21.25
C ASP A 49 6.85 14.04 -19.99
N ILE A 50 7.23 15.15 -19.38
CA ILE A 50 6.48 15.83 -18.30
C ILE A 50 6.37 17.31 -18.68
N THR A 51 5.17 17.86 -18.70
CA THR A 51 4.97 19.32 -18.83
C THR A 51 3.86 19.72 -17.88
N LEU A 52 3.73 21.01 -17.69
CA LEU A 52 2.59 21.62 -16.99
C LEU A 52 1.53 21.99 -18.03
N ASP A 53 0.33 21.48 -17.86
CA ASP A 53 -0.85 21.79 -18.72
C ASP A 53 -1.19 23.27 -18.61
N PRO A 54 -1.11 24.03 -19.72
CA PRO A 54 -1.43 25.46 -19.70
C PRO A 54 -2.86 25.74 -19.21
N LYS A 55 -3.77 24.80 -19.38
CA LYS A 55 -5.22 25.03 -19.11
C LYS A 55 -5.53 24.79 -17.61
N THR A 56 -4.97 23.75 -16.99
CA THR A 56 -5.29 23.37 -15.59
C THR A 56 -4.16 23.73 -14.62
N TYR A 57 -2.97 24.05 -15.12
CA TYR A 57 -1.69 24.15 -14.37
C TYR A 57 -1.44 22.88 -13.53
N LEU A 58 -1.88 21.75 -14.00
CA LEU A 58 -1.54 20.42 -13.38
C LEU A 58 -0.51 19.72 -14.24
N PRO A 59 0.50 19.03 -13.66
CA PRO A 59 1.44 18.25 -14.46
C PRO A 59 0.82 17.11 -15.26
N ARG A 60 1.24 17.00 -16.50
CA ARG A 60 0.73 16.09 -17.55
C ARG A 60 1.90 15.19 -17.97
N VAL A 61 1.75 13.88 -17.78
CA VAL A 61 2.81 12.88 -18.01
C VAL A 61 2.46 12.06 -19.26
N THR A 62 3.45 11.86 -20.12
CA THR A 62 3.38 11.01 -21.31
C THR A 62 4.15 9.74 -21.01
N LEU A 63 3.52 8.58 -21.20
CA LEU A 63 4.14 7.25 -20.99
C LEU A 63 4.25 6.50 -22.31
N GLU A 64 5.32 5.75 -22.48
CA GLU A 64 5.55 4.78 -23.58
C GLU A 64 5.50 3.38 -22.94
N ILE A 65 4.41 2.65 -23.15
CA ILE A 65 4.24 1.23 -22.74
C ILE A 65 4.63 0.33 -23.91
N GLU A 66 5.33 -0.78 -23.65
CA GLU A 66 5.74 -1.76 -24.68
C GLU A 66 4.50 -2.42 -25.29
N GLN A 67 4.44 -2.55 -26.61
CA GLN A 67 3.23 -3.03 -27.34
C GLN A 67 2.81 -4.41 -26.85
N ARG A 68 3.73 -5.22 -26.36
CA ARG A 68 3.41 -6.60 -25.90
C ARG A 68 2.51 -6.56 -24.66
N TYR A 69 2.54 -5.48 -23.86
CA TYR A 69 1.62 -5.32 -22.70
C TYR A 69 0.43 -4.47 -23.14
N ASN A 70 -0.60 -5.09 -23.72
CA ASN A 70 -1.58 -4.35 -24.55
C ASN A 70 -3.03 -4.75 -24.26
N HIS A 71 -3.33 -5.45 -23.19
CA HIS A 71 -4.78 -5.65 -22.86
C HIS A 71 -5.01 -5.13 -21.44
N ILE A 72 -4.42 -3.96 -21.19
CA ILE A 72 -4.52 -3.30 -19.86
C ILE A 72 -5.87 -2.58 -19.78
N PRO A 73 -6.76 -2.95 -18.83
CA PRO A 73 -8.04 -2.28 -18.72
C PRO A 73 -7.92 -0.80 -18.39
N ASP A 74 -8.86 0.00 -18.90
CA ASP A 74 -8.91 1.47 -18.67
C ASP A 74 -9.20 1.77 -17.20
N THR A 75 -9.70 0.84 -16.40
CA THR A 75 -9.92 1.05 -14.95
C THR A 75 -8.59 0.99 -14.18
N SER A 76 -7.49 0.71 -14.87
CA SER A 76 -6.13 0.65 -14.29
C SER A 76 -5.75 2.04 -13.77
N SER A 77 -4.86 2.07 -12.78
CA SER A 77 -4.45 3.28 -12.02
C SER A 77 -2.93 3.44 -12.13
N LEU A 78 -2.42 4.65 -11.94
CA LEU A 78 -0.97 4.94 -11.85
C LEU A 78 -0.66 5.54 -10.48
N SER A 79 0.39 5.06 -9.81
CA SER A 79 0.91 5.64 -8.56
C SER A 79 2.35 6.05 -8.77
N ILE A 80 2.70 7.22 -8.28
CA ILE A 80 4.12 7.59 -8.10
C ILE A 80 4.58 6.93 -6.80
N ARG A 81 5.59 6.08 -6.88
CA ARG A 81 6.22 5.37 -5.74
C ARG A 81 7.71 5.71 -5.78
N THR A 82 8.42 5.38 -4.71
CA THR A 82 9.91 5.47 -4.59
C THR A 82 10.44 4.07 -4.34
N SER A 83 11.56 3.69 -4.95
CA SER A 83 12.22 2.37 -4.75
C SER A 83 13.14 2.45 -3.52
N GLY A 84 12.69 1.90 -2.39
CA GLY A 84 13.32 2.04 -1.05
C GLY A 84 13.23 3.48 -0.55
N LEU A 85 13.75 3.75 0.66
CA LEU A 85 13.72 5.08 1.31
C LEU A 85 14.42 6.13 0.40
N LEU A 86 15.64 5.86 -0.05
CA LEU A 86 16.53 6.90 -0.66
C LEU A 86 16.60 6.72 -2.19
N GLY A 87 15.63 6.04 -2.81
CA GLY A 87 15.70 5.62 -4.21
C GLY A 87 15.11 6.61 -5.20
N GLU A 88 15.04 6.20 -6.45
CA GLU A 88 14.48 6.99 -7.59
C GLU A 88 12.96 6.83 -7.56
N GLN A 89 12.22 7.86 -8.01
CA GLN A 89 10.74 7.78 -8.19
C GLN A 89 10.42 7.03 -9.48
N TYR A 90 9.33 6.25 -9.50
CA TYR A 90 8.86 5.50 -10.68
C TYR A 90 7.33 5.48 -10.69
N LEU A 91 6.73 5.04 -11.80
CA LEU A 91 5.26 4.90 -11.92
C LEU A 91 4.90 3.43 -11.81
N ALA A 92 3.96 3.12 -10.93
CA ALA A 92 3.39 1.77 -10.73
C ALA A 92 2.04 1.77 -11.41
N LEU A 93 1.90 0.97 -12.46
CA LEU A 93 0.62 0.72 -13.14
C LEU A 93 -0.06 -0.43 -12.38
N ASN A 94 -1.17 -0.15 -11.72
CA ASN A 94 -1.97 -1.20 -11.04
CA ASN A 94 -1.96 -1.21 -11.05
C ASN A 94 -3.10 -1.59 -12.00
N VAL A 95 -3.04 -2.83 -12.48
CA VAL A 95 -3.96 -3.38 -13.50
C VAL A 95 -5.35 -3.57 -12.89
N GLY A 96 -6.35 -2.90 -13.47
CA GLY A 96 -7.68 -2.75 -12.86
C GLY A 96 -8.54 -3.98 -13.02
N PHE A 97 -9.57 -4.10 -12.20
CA PHE A 97 -10.78 -4.93 -12.43
C PHE A 97 -11.61 -4.32 -13.56
N GLU A 98 -12.04 -5.15 -14.49
CA GLU A 98 -13.05 -4.79 -15.51
C GLU A 98 -14.18 -5.82 -15.47
N ASP A 99 -15.37 -5.40 -15.06
CA ASP A 99 -16.64 -6.16 -15.20
C ASP A 99 -16.82 -6.59 -16.65
N PRO A 100 -16.78 -7.91 -16.96
CA PRO A 100 -16.98 -8.39 -18.33
C PRO A 100 -18.36 -8.04 -18.91
N GLU A 101 -19.41 -8.05 -18.08
CA GLU A 101 -20.82 -7.67 -18.40
C GLU A 101 -20.90 -6.20 -18.90
N LEU A 102 -19.89 -5.36 -18.67
CA LEU A 102 -19.84 -3.93 -19.13
C LEU A 102 -18.72 -3.75 -20.16
N GLY A 103 -18.40 -4.80 -20.92
CA GLY A 103 -17.48 -4.75 -22.06
C GLY A 103 -16.03 -4.92 -21.66
N THR A 104 -15.18 -4.91 -22.68
CA THR A 104 -13.70 -4.84 -22.59
C THR A 104 -13.24 -3.46 -23.10
N ALA A 105 -13.03 -2.53 -22.16
CA ALA A 105 -12.43 -1.21 -22.39
C ALA A 105 -10.94 -1.27 -22.03
N ILE A 106 -10.10 -1.18 -23.05
CA ILE A 106 -8.64 -1.47 -23.09
C ILE A 106 -7.90 -0.17 -23.41
N LEU A 107 -6.76 0.07 -22.76
CA LEU A 107 -5.90 1.24 -23.07
C LEU A 107 -5.18 1.03 -24.41
N LYS A 108 -5.26 2.02 -25.31
CA LYS A 108 -4.66 2.01 -26.67
C LYS A 108 -3.86 3.30 -26.87
N ASP A 109 -3.01 3.36 -27.88
CA ASP A 109 -2.24 4.57 -28.22
C ASP A 109 -3.19 5.78 -28.09
N GLY A 110 -2.79 6.80 -27.32
CA GLY A 110 -3.57 8.06 -27.24
C GLY A 110 -4.46 8.13 -26.01
N ASP A 111 -4.71 7.01 -25.36
CA ASP A 111 -5.64 7.01 -24.20
C ASP A 111 -4.98 7.68 -22.98
N THR A 112 -5.86 8.10 -22.07
CA THR A 112 -5.52 8.76 -20.81
C THR A 112 -5.86 7.77 -19.69
N ILE A 113 -4.92 7.55 -18.75
CA ILE A 113 -5.24 6.86 -17.48
C ILE A 113 -5.86 7.90 -16.54
N GLN A 114 -7.11 7.66 -16.13
CA GLN A 114 -7.93 8.62 -15.36
C GLN A 114 -7.58 8.55 -13.88
N ASP A 115 -7.26 7.35 -13.38
CA ASP A 115 -7.03 7.11 -11.92
C ASP A 115 -5.54 7.22 -11.60
N THR A 116 -5.14 8.32 -10.95
CA THR A 116 -3.72 8.62 -10.59
C THR A 116 -3.62 8.87 -9.08
N LYS A 117 -2.45 8.54 -8.51
CA LYS A 117 -2.08 8.84 -7.11
C LYS A 117 -0.73 9.53 -7.17
N SER A 118 -0.67 10.74 -6.60
CA SER A 118 0.45 11.70 -6.65
C SER A 118 1.43 11.35 -5.54
N ALA A 119 2.50 12.17 -5.41
CA ALA A 119 3.35 12.36 -4.19
C ALA A 119 3.59 11.02 -3.49
N GLU B 16 -29.12 -10.33 5.74
CA GLU B 16 -28.58 -10.64 4.35
C GLU B 16 -28.24 -12.13 4.28
N PRO B 17 -28.57 -12.80 3.16
CA PRO B 17 -27.92 -14.07 2.83
C PRO B 17 -26.45 -13.80 2.47
N THR B 18 -25.59 -14.73 2.85
CA THR B 18 -24.14 -14.67 2.64
C THR B 18 -23.67 -15.95 1.96
N TYR B 19 -22.45 -15.95 1.43
CA TYR B 19 -21.73 -17.15 0.97
C TYR B 19 -20.38 -17.21 1.69
N THR B 20 -19.80 -18.41 1.75
CA THR B 20 -18.60 -18.71 2.55
C THR B 20 -17.38 -18.78 1.63
N LEU B 21 -16.31 -18.13 2.04
CA LEU B 21 -14.98 -18.27 1.39
C LEU B 21 -13.99 -18.64 2.46
N TYR B 22 -12.93 -19.31 2.05
CA TYR B 22 -11.83 -19.72 2.94
C TYR B 22 -10.57 -19.02 2.48
N ALA B 23 -9.66 -18.80 3.41
CA ALA B 23 -8.34 -18.22 3.15
C ALA B 23 -7.39 -18.73 4.21
N THR B 24 -6.16 -19.04 3.80
CA THR B 24 -5.05 -19.37 4.72
C THR B 24 -4.06 -18.22 4.76
N PHE B 25 -3.70 -17.79 5.97
CA PHE B 25 -2.64 -16.78 6.24
C PHE B 25 -1.52 -17.42 7.03
N ASP B 26 -0.31 -16.90 6.89
CA ASP B 26 0.84 -17.30 7.74
C ASP B 26 0.58 -16.74 9.14
N ASN B 27 0.00 -15.54 9.24
CA ASN B 27 -0.22 -14.88 10.54
C ASN B 27 -1.46 -14.00 10.46
N ILE B 28 -2.42 -14.19 11.35
CA ILE B 28 -3.70 -13.41 11.33
C ILE B 28 -3.65 -12.28 12.35
N GLY B 29 -2.51 -12.05 13.02
CA GLY B 29 -2.34 -10.96 14.01
C GLY B 29 -3.54 -10.85 14.95
N GLY B 30 -4.16 -9.67 15.02
CA GLY B 30 -5.31 -9.38 15.92
C GLY B 30 -6.65 -9.67 15.27
N LEU B 31 -6.69 -10.30 14.11
CA LEU B 31 -7.97 -10.70 13.47
C LEU B 31 -8.70 -11.66 14.40
N LYS B 32 -10.00 -11.45 14.57
CA LYS B 32 -10.88 -12.31 15.40
C LYS B 32 -12.20 -12.49 14.62
N ALA B 33 -13.02 -13.44 15.03
CA ALA B 33 -14.39 -13.62 14.50
C ALA B 33 -15.15 -12.31 14.67
N ARG B 34 -15.99 -12.00 13.69
CA ARG B 34 -16.81 -10.76 13.62
C ARG B 34 -15.97 -9.58 13.09
N SER B 35 -14.68 -9.74 12.83
CA SER B 35 -13.83 -8.72 12.14
C SER B 35 -14.40 -8.46 10.77
N PRO B 36 -14.51 -7.19 10.33
CA PRO B 36 -15.04 -6.90 9.01
C PRO B 36 -14.15 -7.33 7.84
N VAL B 37 -14.78 -7.65 6.72
CA VAL B 37 -14.18 -7.79 5.37
C VAL B 37 -14.69 -6.63 4.54
N SER B 38 -13.79 -5.86 3.93
CA SER B 38 -14.15 -4.62 3.18
C SER B 38 -13.59 -4.64 1.77
N ILE B 39 -14.30 -3.99 0.85
CA ILE B 39 -13.85 -3.68 -0.54
C ILE B 39 -13.89 -2.16 -0.67
N GLY B 40 -12.76 -1.57 -1.05
CA GLY B 40 -12.55 -0.11 -1.02
C GLY B 40 -13.07 0.52 0.27
N GLY B 41 -12.88 -0.15 1.42
CA GLY B 41 -13.28 0.40 2.72
C GLY B 41 -14.75 0.22 3.04
N VAL B 42 -15.53 -0.42 2.17
CA VAL B 42 -16.97 -0.68 2.45
C VAL B 42 -17.10 -2.12 2.92
N VAL B 43 -17.86 -2.31 3.98
CA VAL B 43 -18.04 -3.66 4.58
C VAL B 43 -18.92 -4.49 3.66
N VAL B 44 -18.40 -5.64 3.22
CA VAL B 44 -19.10 -6.65 2.36
C VAL B 44 -19.24 -7.99 3.10
N GLY B 45 -18.64 -8.14 4.28
CA GLY B 45 -18.73 -9.40 5.04
C GLY B 45 -18.04 -9.35 6.39
N ARG B 46 -17.87 -10.53 6.97
CA ARG B 46 -17.37 -10.77 8.34
C ARG B 46 -16.48 -12.02 8.31
N VAL B 47 -15.41 -12.01 9.10
CA VAL B 47 -14.72 -13.25 9.54
C VAL B 47 -15.72 -14.03 10.41
N ALA B 48 -16.02 -15.27 10.02
CA ALA B 48 -16.94 -16.18 10.73
C ALA B 48 -16.16 -16.98 11.75
N ASP B 49 -15.02 -17.53 11.34
CA ASP B 49 -14.21 -18.45 12.20
CA ASP B 49 -14.21 -18.46 12.19
C ASP B 49 -12.74 -18.31 11.81
N ILE B 50 -11.85 -18.62 12.77
CA ILE B 50 -10.40 -18.83 12.58
C ILE B 50 -10.04 -20.13 13.30
N THR B 51 -9.43 -21.07 12.62
CA THR B 51 -8.84 -22.26 13.29
C THR B 51 -7.49 -22.56 12.65
N LEU B 52 -6.75 -23.45 13.27
CA LEU B 52 -5.42 -23.86 12.84
C LEU B 52 -5.58 -25.13 12.02
N ASP B 53 -5.08 -25.12 10.79
CA ASP B 53 -4.98 -26.30 9.89
C ASP B 53 -4.06 -27.32 10.54
N PRO B 54 -4.55 -28.53 10.89
CA PRO B 54 -3.74 -29.54 11.55
C PRO B 54 -2.50 -29.94 10.73
N LYS B 55 -2.59 -29.80 9.40
CA LYS B 55 -1.54 -30.33 8.51
C LYS B 55 -0.38 -29.32 8.37
N THR B 56 -0.68 -28.01 8.26
CA THR B 56 0.33 -26.96 8.03
C THR B 56 0.61 -26.14 9.30
N TYR B 57 -0.24 -26.21 10.33
CA TYR B 57 -0.33 -25.27 11.48
C TYR B 57 -0.34 -23.80 11.01
N LEU B 58 -0.98 -23.55 9.87
CA LEU B 58 -1.26 -22.20 9.38
C LEU B 58 -2.73 -21.92 9.68
N PRO B 59 -3.04 -20.71 10.18
CA PRO B 59 -4.41 -20.29 10.37
C PRO B 59 -5.23 -20.26 9.09
N ARG B 60 -6.44 -20.78 9.19
CA ARG B 60 -7.44 -20.86 8.10
C ARG B 60 -8.66 -20.06 8.58
N VAL B 61 -9.02 -19.08 7.77
CA VAL B 61 -10.08 -18.11 8.06
C VAL B 61 -11.29 -18.42 7.17
N THR B 62 -12.46 -18.39 7.81
CA THR B 62 -13.76 -18.55 7.15
C THR B 62 -14.39 -17.17 7.08
N LEU B 63 -14.79 -16.76 5.87
CA LEU B 63 -15.47 -15.48 5.61
C LEU B 63 -16.90 -15.73 5.17
N GLU B 64 -17.82 -14.88 5.63
CA GLU B 64 -19.21 -14.77 5.13
C GLU B 64 -19.29 -13.44 4.35
N ILE B 65 -19.30 -13.51 3.02
CA ILE B 65 -19.51 -12.37 2.09
C ILE B 65 -20.99 -12.26 1.74
N GLU B 66 -21.54 -11.03 1.69
CA GLU B 66 -22.96 -10.79 1.35
C GLU B 66 -23.24 -11.23 -0.10
N GLN B 67 -24.35 -11.94 -0.36
CA GLN B 67 -24.63 -12.59 -1.66
C GLN B 67 -24.65 -11.54 -2.77
N ARG B 68 -24.97 -10.29 -2.46
CA ARG B 68 -25.07 -9.24 -3.49
C ARG B 68 -23.68 -8.94 -4.08
N TYR B 69 -22.59 -9.20 -3.36
CA TYR B 69 -21.21 -9.04 -3.89
C TYR B 69 -20.72 -10.39 -4.38
N ASN B 70 -21.04 -10.75 -5.62
CA ASN B 70 -20.98 -12.16 -6.08
C ASN B 70 -20.33 -12.31 -7.46
N HIS B 71 -19.66 -11.31 -7.98
CA HIS B 71 -18.95 -11.42 -9.28
C HIS B 71 -17.46 -11.16 -9.01
N ILE B 72 -16.97 -11.57 -7.84
CA ILE B 72 -15.58 -11.30 -7.39
C ILE B 72 -14.67 -12.32 -8.04
N PRO B 73 -13.71 -11.89 -8.87
CA PRO B 73 -12.80 -12.83 -9.52
C PRO B 73 -11.92 -13.60 -8.52
N ASP B 74 -11.61 -14.86 -8.87
CA ASP B 74 -10.67 -15.75 -8.17
C ASP B 74 -9.31 -15.12 -7.94
N THR B 75 -8.87 -14.23 -8.82
CA THR B 75 -7.53 -13.60 -8.74
C THR B 75 -7.53 -12.53 -7.62
N SER B 76 -8.66 -12.31 -6.96
CA SER B 76 -8.80 -11.35 -5.85
C SER B 76 -7.93 -11.79 -4.68
N SER B 77 -7.47 -10.85 -3.87
CA SER B 77 -6.48 -11.02 -2.78
C SER B 77 -7.09 -10.51 -1.47
N LEU B 78 -6.62 -11.01 -0.34
CA LEU B 78 -7.05 -10.60 1.02
C LEU B 78 -5.83 -10.10 1.78
N SER B 79 -5.93 -8.95 2.43
CA SER B 79 -4.88 -8.37 3.28
C SER B 79 -5.44 -8.13 4.66
N ILE B 80 -4.66 -8.49 5.66
CA ILE B 80 -4.92 -8.05 7.05
C ILE B 80 -4.38 -6.62 7.14
N ARG B 81 -5.25 -5.65 7.46
CA ARG B 81 -4.91 -4.23 7.67
C ARG B 81 -5.38 -3.87 9.07
N THR B 82 -4.96 -2.71 9.56
CA THR B 82 -5.44 -2.04 10.79
C THR B 82 -6.07 -0.71 10.41
N SER B 83 -7.18 -0.31 11.04
CA SER B 83 -7.86 0.99 10.80
C SER B 83 -7.21 2.07 11.67
N GLY B 84 -6.38 2.93 11.05
CA GLY B 84 -5.48 3.89 11.74
C GLY B 84 -4.40 3.17 12.53
N LEU B 85 -3.50 3.91 13.20
CA LEU B 85 -2.38 3.33 13.99
C LEU B 85 -2.92 2.42 15.11
N LEU B 86 -3.89 2.88 15.92
CA LEU B 86 -4.28 2.22 17.19
C LEU B 86 -5.60 1.44 17.05
N GLY B 87 -6.04 1.12 15.82
CA GLY B 87 -7.40 0.63 15.55
C GLY B 87 -7.55 -0.89 15.58
N GLU B 88 -8.73 -1.39 15.18
CA GLU B 88 -9.09 -2.82 15.08
C GLU B 88 -8.51 -3.36 13.76
N GLN B 89 -8.16 -4.65 13.72
CA GLN B 89 -7.72 -5.35 12.48
C GLN B 89 -8.96 -5.73 11.65
N TYR B 90 -8.82 -5.72 10.33
CA TYR B 90 -9.89 -6.10 9.36
C TYR B 90 -9.26 -6.75 8.12
N LEU B 91 -10.08 -7.33 7.26
CA LEU B 91 -9.63 -7.93 5.99
C LEU B 91 -10.06 -7.03 4.86
N ALA B 92 -9.10 -6.68 4.00
CA ALA B 92 -9.32 -5.89 2.78
C ALA B 92 -9.29 -6.86 1.62
N LEU B 93 -10.42 -6.98 0.95
CA LEU B 93 -10.54 -7.75 -0.31
C LEU B 93 -10.16 -6.80 -1.45
N ASN B 94 -9.07 -7.09 -2.13
CA ASN B 94 -8.66 -6.33 -3.34
C ASN B 94 -9.15 -7.13 -4.56
N VAL B 95 -10.14 -6.58 -5.25
CA VAL B 95 -10.82 -7.21 -6.41
C VAL B 95 -9.85 -7.32 -7.59
N GLY B 96 -9.60 -8.54 -8.06
CA GLY B 96 -8.49 -8.82 -8.99
C GLY B 96 -8.82 -8.47 -10.42
N PHE B 97 -7.79 -8.38 -11.26
CA PHE B 97 -7.84 -8.41 -12.74
C PHE B 97 -8.22 -9.81 -13.19
N GLU B 98 -9.18 -9.88 -14.11
CA GLU B 98 -9.59 -11.13 -14.77
C GLU B 98 -9.42 -10.97 -16.27
N ASP B 99 -8.42 -11.67 -16.83
CA ASP B 99 -8.26 -11.87 -18.29
C ASP B 99 -9.55 -12.43 -18.88
N PRO B 100 -10.26 -11.69 -19.75
CA PRO B 100 -11.49 -12.19 -20.37
C PRO B 100 -11.30 -13.46 -21.23
N GLU B 101 -10.14 -13.59 -21.90
CA GLU B 101 -9.71 -14.78 -22.69
C GLU B 101 -9.63 -16.06 -21.83
N LEU B 102 -9.62 -15.96 -20.50
CA LEU B 102 -9.60 -17.13 -19.55
C LEU B 102 -10.92 -17.17 -18.75
N GLY B 103 -12.00 -16.68 -19.35
CA GLY B 103 -13.39 -16.92 -18.94
C GLY B 103 -13.83 -16.00 -17.82
N THR B 104 -14.84 -16.46 -17.10
CA THR B 104 -15.26 -16.00 -15.75
C THR B 104 -14.90 -17.10 -14.74
N ALA B 105 -13.75 -16.93 -14.07
CA ALA B 105 -13.46 -17.65 -12.81
C ALA B 105 -13.81 -16.70 -11.62
N ILE B 106 -14.92 -17.01 -10.97
CA ILE B 106 -15.70 -16.20 -9.99
C ILE B 106 -15.71 -16.95 -8.66
N LEU B 107 -15.61 -16.25 -7.54
CA LEU B 107 -15.67 -16.89 -6.20
C LEU B 107 -17.13 -17.25 -5.87
N LYS B 108 -17.37 -18.50 -5.43
CA LYS B 108 -18.72 -19.03 -5.09
C LYS B 108 -18.65 -19.69 -3.72
N ASP B 109 -19.81 -19.97 -3.09
CA ASP B 109 -19.85 -20.64 -1.76
C ASP B 109 -18.81 -21.76 -1.76
N GLY B 110 -17.92 -21.78 -0.77
CA GLY B 110 -16.97 -22.88 -0.56
C GLY B 110 -15.62 -22.62 -1.17
N ASP B 111 -15.47 -21.63 -2.03
CA ASP B 111 -14.17 -21.41 -2.71
C ASP B 111 -13.14 -20.83 -1.71
N THR B 112 -11.88 -20.93 -2.10
CA THR B 112 -10.70 -20.45 -1.33
C THR B 112 -10.12 -19.26 -2.08
N ILE B 113 -9.84 -18.16 -1.38
CA ILE B 113 -8.97 -17.08 -1.90
C ILE B 113 -7.53 -17.49 -1.67
N GLN B 114 -6.77 -17.64 -2.75
CA GLN B 114 -5.40 -18.17 -2.78
C GLN B 114 -4.40 -17.08 -2.39
N ASP B 115 -4.66 -15.83 -2.79
CA ASP B 115 -3.71 -14.71 -2.63
C ASP B 115 -4.02 -13.95 -1.33
N THR B 116 -3.18 -14.14 -0.31
CA THR B 116 -3.32 -13.57 1.06
C THR B 116 -2.04 -12.82 1.44
N LYS B 117 -2.21 -11.77 2.25
CA LYS B 117 -1.10 -11.00 2.85
C LYS B 117 -1.40 -10.93 4.34
N SER B 118 -0.44 -11.39 5.14
CA SER B 118 -0.54 -11.58 6.60
C SER B 118 -0.23 -10.28 7.32
N ALA B 119 -0.29 -10.28 8.66
CA ALA B 119 0.47 -9.42 9.62
C ALA B 119 0.49 -7.96 9.12
N GLU C 16 -29.63 25.56 5.42
CA GLU C 16 -28.91 25.99 4.17
C GLU C 16 -29.40 25.13 3.01
N PRO C 17 -29.63 25.75 1.82
CA PRO C 17 -29.72 25.01 0.58
C PRO C 17 -28.37 24.39 0.24
N THR C 18 -28.40 23.20 -0.35
CA THR C 18 -27.19 22.47 -0.77
C THR C 18 -27.31 22.11 -2.24
N TYR C 19 -26.21 21.68 -2.85
CA TYR C 19 -26.19 20.98 -4.15
C TYR C 19 -25.43 19.66 -3.96
N THR C 20 -25.64 18.74 -4.90
CA THR C 20 -25.10 17.37 -4.87
C THR C 20 -23.87 17.27 -5.77
N LEU C 21 -22.80 16.67 -5.25
CA LEU C 21 -21.67 16.21 -6.10
C LEU C 21 -21.45 14.73 -5.85
N TYR C 22 -20.89 14.06 -6.84
CA TYR C 22 -20.55 12.64 -6.73
C TYR C 22 -19.04 12.50 -6.87
N ALA C 23 -18.48 11.46 -6.28
CA ALA C 23 -17.06 11.12 -6.43
C ALA C 23 -16.92 9.62 -6.24
N THR C 24 -16.08 8.99 -7.06
CA THR C 24 -15.69 7.58 -6.96
C THR C 24 -14.24 7.51 -6.48
N PHE C 25 -14.00 6.68 -5.46
CA PHE C 25 -12.65 6.40 -4.89
C PHE C 25 -12.32 4.93 -5.10
N ASP C 26 -11.03 4.59 -5.10
CA ASP C 26 -10.59 3.18 -5.01
C ASP C 26 -10.88 2.69 -3.60
N ASN C 27 -10.68 3.53 -2.59
CA ASN C 27 -10.80 3.14 -1.17
C ASN C 27 -11.24 4.33 -0.34
N ILE C 28 -12.34 4.22 0.39
CA ILE C 28 -12.90 5.34 1.23
C ILE C 28 -12.48 5.15 2.68
N GLY C 29 -11.66 4.14 3.01
CA GLY C 29 -11.16 3.91 4.37
C GLY C 29 -12.26 4.00 5.41
N GLY C 30 -12.07 4.85 6.42
CA GLY C 30 -13.01 5.02 7.54
C GLY C 30 -14.08 6.08 7.28
N LEU C 31 -14.18 6.59 6.06
CA LEU C 31 -15.24 7.56 5.71
C LEU C 31 -16.60 6.87 5.89
N LYS C 32 -17.56 7.58 6.47
CA LYS C 32 -18.94 7.10 6.68
C LYS C 32 -19.90 8.23 6.31
N ALA C 33 -21.18 7.93 6.18
CA ALA C 33 -22.20 8.99 5.90
C ALA C 33 -22.14 10.00 7.03
N ARG C 34 -22.35 11.27 6.74
CA ARG C 34 -22.36 12.39 7.73
C ARG C 34 -20.91 12.86 7.97
N SER C 35 -19.91 12.23 7.36
CA SER C 35 -18.50 12.70 7.39
C SER C 35 -18.42 14.09 6.77
N PRO C 36 -17.66 15.01 7.39
CA PRO C 36 -17.50 16.35 6.82
C PRO C 36 -16.73 16.39 5.51
N VAL C 37 -17.09 17.36 4.68
CA VAL C 37 -16.31 17.81 3.49
C VAL C 37 -15.83 19.23 3.84
N SER C 38 -14.53 19.48 3.74
CA SER C 38 -13.92 20.77 4.17
C SER C 38 -13.09 21.38 3.04
N ILE C 39 -12.98 22.71 3.05
CA ILE C 39 -12.05 23.50 2.21
C ILE C 39 -11.23 24.33 3.18
N GLY C 40 -9.92 24.23 3.09
CA GLY C 40 -8.99 24.82 4.06
C GLY C 40 -9.38 24.53 5.49
N GLY C 41 -9.91 23.33 5.77
CA GLY C 41 -10.30 22.94 7.14
C GLY C 41 -11.64 23.50 7.58
N VAL C 42 -12.35 24.25 6.73
CA VAL C 42 -13.71 24.74 7.10
C VAL C 42 -14.72 23.81 6.47
N VAL C 43 -15.73 23.42 7.25
CA VAL C 43 -16.77 22.48 6.76
C VAL C 43 -17.68 23.21 5.78
N VAL C 44 -17.78 22.69 4.55
CA VAL C 44 -18.66 23.21 3.45
C VAL C 44 -19.74 22.20 3.08
N GLY C 45 -19.67 20.96 3.59
CA GLY C 45 -20.67 19.94 3.25
C GLY C 45 -20.56 18.68 4.07
N ARG C 46 -21.32 17.67 3.66
CA ARG C 46 -21.47 16.36 4.32
C ARG C 46 -21.49 15.28 3.24
N VAL C 47 -20.89 14.14 3.54
CA VAL C 47 -21.19 12.86 2.85
C VAL C 47 -22.65 12.52 3.14
N ALA C 48 -23.46 12.38 2.11
CA ALA C 48 -24.90 12.04 2.21
C ALA C 48 -25.04 10.52 2.09
N ASP C 49 -24.33 9.91 1.15
CA ASP C 49 -24.39 8.45 0.93
C ASP C 49 -23.03 7.91 0.48
N ILE C 50 -22.77 6.65 0.80
CA ILE C 50 -21.66 5.81 0.28
C ILE C 50 -22.30 4.50 -0.17
N THR C 51 -22.11 4.13 -1.43
CA THR C 51 -22.44 2.75 -1.83
C THR C 51 -21.27 2.23 -2.61
N LEU C 52 -21.11 0.93 -2.52
CA LEU C 52 -20.15 0.20 -3.33
C LEU C 52 -20.95 -0.29 -4.54
N ASP C 53 -20.49 0.07 -5.73
CA ASP C 53 -21.13 -0.32 -6.99
C ASP C 53 -20.95 -1.83 -7.18
N PRO C 54 -22.04 -2.62 -7.25
CA PRO C 54 -21.88 -4.07 -7.44
C PRO C 54 -21.20 -4.41 -8.77
N LYS C 55 -21.25 -3.51 -9.76
CA LYS C 55 -20.68 -3.79 -11.11
C LYS C 55 -19.17 -3.47 -11.16
N THR C 56 -18.71 -2.38 -10.57
CA THR C 56 -17.28 -1.94 -10.67
C THR C 56 -16.49 -2.25 -9.40
N TYR C 57 -17.19 -2.51 -8.29
CA TYR C 57 -16.66 -2.69 -6.92
C TYR C 57 -15.86 -1.44 -6.55
N LEU C 58 -16.22 -0.28 -7.08
CA LEU C 58 -15.67 1.01 -6.63
C LEU C 58 -16.70 1.71 -5.75
N PRO C 59 -16.28 2.21 -4.57
CA PRO C 59 -17.18 3.04 -3.75
C PRO C 59 -17.48 4.39 -4.42
N ARG C 60 -18.74 4.79 -4.37
CA ARG C 60 -19.25 6.06 -4.93
C ARG C 60 -19.85 6.84 -3.76
N VAL C 61 -19.36 8.05 -3.61
CA VAL C 61 -19.74 8.99 -2.53
C VAL C 61 -20.63 10.10 -3.09
N THR C 62 -21.71 10.37 -2.38
CA THR C 62 -22.64 11.47 -2.68
C THR C 62 -22.42 12.54 -1.62
N LEU C 63 -22.14 13.76 -2.05
CA LEU C 63 -21.89 14.92 -1.16
C LEU C 63 -23.02 15.92 -1.33
N GLU C 64 -23.40 16.55 -0.22
CA GLU C 64 -24.24 17.77 -0.20
C GLU C 64 -23.33 18.94 0.23
N ILE C 65 -22.95 19.78 -0.73
CA ILE C 65 -22.15 21.02 -0.54
C ILE C 65 -23.12 22.21 -0.37
N GLU C 66 -22.82 23.14 0.54
CA GLU C 66 -23.66 24.33 0.78
C GLU C 66 -23.63 25.25 -0.46
N GLN C 67 -24.80 25.75 -0.90
CA GLN C 67 -24.95 26.46 -2.21
C GLN C 67 -24.01 27.66 -2.26
N ARG C 68 -23.69 28.26 -1.10
CA ARG C 68 -22.85 29.48 -1.08
C ARG C 68 -21.43 29.17 -1.55
N TYR C 69 -20.95 27.93 -1.48
CA TYR C 69 -19.63 27.53 -1.99
C TYR C 69 -19.80 26.98 -3.42
N ASN C 70 -19.77 27.88 -4.43
CA ASN C 70 -20.44 27.60 -5.71
C ASN C 70 -19.59 27.87 -6.95
N HIS C 71 -18.32 28.22 -6.85
CA HIS C 71 -17.59 28.51 -8.13
C HIS C 71 -16.40 27.57 -8.20
N ILE C 72 -16.62 26.32 -7.79
CA ILE C 72 -15.52 25.33 -7.58
C ILE C 72 -15.15 24.76 -8.92
N PRO C 73 -13.94 24.95 -9.44
CA PRO C 73 -13.56 24.39 -10.74
C PRO C 73 -13.60 22.85 -10.74
N ASP C 74 -13.93 22.28 -11.89
CA ASP C 74 -13.93 20.83 -12.19
C ASP C 74 -12.58 20.17 -11.88
N THR C 75 -11.48 20.90 -12.00
CA THR C 75 -10.11 20.35 -11.79
C THR C 75 -9.85 20.21 -10.28
N SER C 76 -10.80 20.59 -9.42
CA SER C 76 -10.70 20.45 -7.96
C SER C 76 -10.64 18.97 -7.64
N SER C 77 -10.01 18.64 -6.52
CA SER C 77 -9.71 17.26 -6.10
C SER C 77 -10.36 17.02 -4.72
N LEU C 78 -10.67 15.77 -4.45
CA LEU C 78 -11.14 15.30 -3.13
C LEU C 78 -10.15 14.30 -2.57
N SER C 79 -9.73 14.51 -1.32
CA SER C 79 -8.80 13.62 -0.60
C SER C 79 -9.51 13.15 0.65
N ILE C 80 -9.38 11.87 0.92
CA ILE C 80 -9.68 11.31 2.26
C ILE C 80 -8.46 11.61 3.14
N ARG C 81 -8.68 12.36 4.22
CA ARG C 81 -7.66 12.75 5.21
C ARG C 81 -8.19 12.31 6.57
N THR C 82 -7.33 12.32 7.59
CA THR C 82 -7.68 12.07 9.01
C THR C 82 -7.32 13.32 9.82
N SER C 83 -8.17 13.69 10.78
CA SER C 83 -7.94 14.88 11.65
C SER C 83 -7.06 14.48 12.85
N GLY C 84 -5.77 14.85 12.81
CA GLY C 84 -4.72 14.38 13.72
C GLY C 84 -4.45 12.89 13.55
N LEU C 85 -3.54 12.32 14.34
CA LEU C 85 -3.13 10.90 14.18
C LEU C 85 -4.31 9.96 14.49
N LEU C 86 -5.05 10.18 15.57
CA LEU C 86 -6.06 9.23 16.11
C LEU C 86 -7.50 9.66 15.77
N GLY C 87 -7.70 10.55 14.79
CA GLY C 87 -8.99 11.26 14.58
C GLY C 87 -9.93 10.56 13.61
N GLU C 88 -11.03 11.23 13.29
CA GLU C 88 -12.12 10.85 12.36
C GLU C 88 -11.61 11.11 10.92
N GLN C 89 -12.05 10.33 9.95
CA GLN C 89 -11.77 10.58 8.50
C GLN C 89 -12.74 11.66 7.98
N TYR C 90 -12.26 12.50 7.05
CA TYR C 90 -13.06 13.57 6.39
C TYR C 90 -12.61 13.71 4.94
N LEU C 91 -13.36 14.47 4.13
CA LEU C 91 -13.00 14.76 2.73
C LEU C 91 -12.49 16.20 2.68
N ALA C 92 -11.30 16.38 2.11
CA ALA C 92 -10.67 17.69 1.85
C ALA C 92 -10.87 17.99 0.38
N LEU C 93 -11.62 19.04 0.12
CA LEU C 93 -11.78 19.59 -1.25
C LEU C 93 -10.64 20.57 -1.47
N ASN C 94 -9.73 20.25 -2.39
CA ASN C 94 -8.65 21.17 -2.81
C ASN C 94 -9.12 21.86 -4.10
N VAL C 95 -9.38 23.15 -3.99
CA VAL C 95 -9.97 24.02 -5.05
C VAL C 95 -8.96 24.18 -6.18
N GLY C 96 -9.35 23.81 -7.40
CA GLY C 96 -8.45 23.72 -8.57
C GLY C 96 -8.29 25.04 -9.26
N PHE C 97 -7.61 25.01 -10.39
CA PHE C 97 -7.41 26.12 -11.33
C PHE C 97 -8.03 25.75 -12.68
N GLU C 98 -8.78 26.69 -13.24
CA GLU C 98 -9.19 26.66 -14.68
C GLU C 98 -8.87 28.06 -15.22
N ASP C 99 -7.97 28.17 -16.22
CA ASP C 99 -7.68 29.46 -16.91
C ASP C 99 -8.97 30.01 -17.50
N PRO C 100 -9.49 31.16 -17.02
CA PRO C 100 -10.77 31.70 -17.53
C PRO C 100 -10.73 32.06 -19.03
N GLU C 101 -9.56 32.51 -19.53
CA GLU C 101 -9.27 32.81 -20.96
C GLU C 101 -9.55 31.60 -21.87
N LEU C 102 -9.55 30.37 -21.34
CA LEU C 102 -9.69 29.10 -22.12
C LEU C 102 -10.99 28.41 -21.73
N GLY C 103 -11.96 29.15 -21.17
CA GLY C 103 -13.27 28.59 -20.79
C GLY C 103 -13.27 28.06 -19.38
N THR C 104 -14.46 28.16 -18.77
CA THR C 104 -14.71 28.18 -17.30
C THR C 104 -15.60 26.98 -16.93
N ALA C 105 -14.97 25.88 -16.50
CA ALA C 105 -15.64 24.63 -16.14
C ALA C 105 -15.77 24.51 -14.62
N ILE C 106 -17.01 24.60 -14.14
CA ILE C 106 -17.47 24.80 -12.73
C ILE C 106 -18.28 23.58 -12.29
N LEU C 107 -18.15 23.15 -11.06
CA LEU C 107 -18.98 22.05 -10.50
C LEU C 107 -20.39 22.59 -10.18
N LYS C 108 -21.43 21.90 -10.65
CA LYS C 108 -22.86 22.28 -10.52
C LYS C 108 -23.62 21.09 -9.90
N ASP C 109 -24.82 21.30 -9.38
CA ASP C 109 -25.70 20.19 -8.87
C ASP C 109 -25.58 19.03 -9.85
N GLY C 110 -25.25 17.82 -9.35
CA GLY C 110 -25.25 16.59 -10.14
C GLY C 110 -23.90 16.26 -10.76
N ASP C 111 -22.93 17.15 -10.69
CA ASP C 111 -21.61 16.87 -11.29
C ASP C 111 -20.85 15.85 -10.44
N THR C 112 -19.84 15.27 -11.08
CA THR C 112 -18.87 14.33 -10.49
C THR C 112 -17.54 15.06 -10.36
N ILE C 113 -16.90 14.97 -9.20
CA ILE C 113 -15.46 15.34 -9.03
C ILE C 113 -14.64 14.16 -9.51
N GLN C 114 -13.82 14.38 -10.53
CA GLN C 114 -13.08 13.32 -11.26
C GLN C 114 -11.79 13.00 -10.50
N ASP C 115 -11.16 14.00 -9.88
CA ASP C 115 -9.81 13.84 -9.25
C ASP C 115 -10.00 13.54 -7.76
N THR C 116 -9.77 12.29 -7.37
CA THR C 116 -9.96 11.72 -6.04
C THR C 116 -8.65 11.08 -5.58
N LYS C 117 -8.39 11.17 -4.29
CA LYS C 117 -7.22 10.53 -3.62
C LYS C 117 -7.81 9.73 -2.47
N SER C 118 -7.52 8.42 -2.52
CA SER C 118 -8.08 7.39 -1.64
C SER C 118 -7.32 7.40 -0.32
N ALA C 119 -7.99 6.87 0.73
CA ALA C 119 -7.40 6.52 2.03
C ALA C 119 -6.04 5.86 1.75
N MET C 120 -4.95 6.43 2.30
CA MET C 120 -3.61 5.82 2.35
C MET C 120 -3.48 4.84 3.53
N VAL C 121 -2.93 3.64 3.31
CA VAL C 121 -2.72 2.64 4.41
C VAL C 121 -1.39 2.69 5.17
N LEU C 122 -1.13 1.66 6.00
CA LEU C 122 0.19 1.23 6.58
C LEU C 122 1.06 0.99 5.34
N GLU C 123 2.11 1.79 5.13
CA GLU C 123 2.95 1.86 3.90
C GLU C 123 2.39 2.81 2.85
N GLU D 16 27.68 -27.04 -8.92
CA GLU D 16 26.55 -27.69 -8.19
C GLU D 16 25.41 -27.94 -9.15
N PRO D 17 24.77 -29.13 -9.09
CA PRO D 17 23.47 -29.31 -9.72
C PRO D 17 22.42 -28.51 -8.92
N THR D 18 21.43 -28.02 -9.64
CA THR D 18 20.30 -27.25 -9.09
C THR D 18 19.00 -27.89 -9.55
N TYR D 19 17.89 -27.53 -8.93
CA TYR D 19 16.53 -27.83 -9.41
C TYR D 19 15.75 -26.51 -9.51
N THR D 20 14.69 -26.53 -10.31
CA THR D 20 13.92 -25.33 -10.69
C THR D 20 12.63 -25.28 -9.90
N LEU D 21 12.33 -24.12 -9.33
CA LEU D 21 11.01 -23.87 -8.72
C LEU D 21 10.45 -22.61 -9.34
N TYR D 22 9.14 -22.50 -9.37
CA TYR D 22 8.46 -21.31 -9.89
C TYR D 22 7.67 -20.68 -8.75
N ALA D 23 7.44 -19.38 -8.84
CA ALA D 23 6.60 -18.65 -7.88
C ALA D 23 6.05 -17.43 -8.59
N THR D 24 4.77 -17.15 -8.34
CA THR D 24 4.08 -15.95 -8.86
C THR D 24 3.83 -15.01 -7.68
N PHE D 25 4.20 -13.73 -7.89
CA PHE D 25 3.96 -12.63 -6.92
C PHE D 25 2.99 -11.61 -7.52
N ASP D 26 2.28 -10.87 -6.69
CA ASP D 26 1.56 -9.66 -7.14
C ASP D 26 2.60 -8.60 -7.49
N ASN D 27 3.67 -8.48 -6.72
CA ASN D 27 4.67 -7.42 -6.90
C ASN D 27 6.04 -7.92 -6.48
N ILE D 28 7.04 -7.86 -7.36
CA ILE D 28 8.42 -8.36 -7.08
C ILE D 28 9.34 -7.20 -6.68
N GLY D 29 8.81 -5.99 -6.54
CA GLY D 29 9.58 -4.79 -6.16
C GLY D 29 10.88 -4.68 -6.96
N GLY D 30 12.00 -4.58 -6.25
CA GLY D 30 13.36 -4.44 -6.83
C GLY D 30 14.04 -5.77 -7.16
N LEU D 31 13.34 -6.89 -7.06
CA LEU D 31 13.94 -8.21 -7.36
C LEU D 31 14.34 -8.24 -8.83
N LYS D 32 15.53 -8.77 -9.14
CA LYS D 32 16.05 -8.90 -10.52
C LYS D 32 16.66 -10.28 -10.68
N ALA D 33 16.93 -10.72 -11.90
CA ALA D 33 17.62 -11.99 -12.17
C ALA D 33 18.96 -11.96 -11.44
N ARG D 34 19.41 -13.10 -10.92
CA ARG D 34 20.69 -13.25 -10.16
C ARG D 34 20.48 -12.85 -8.69
N SER D 35 19.30 -12.36 -8.29
CA SER D 35 18.96 -12.08 -6.87
C SER D 35 19.05 -13.37 -6.07
N PRO D 36 19.64 -13.30 -4.86
CA PRO D 36 19.73 -14.49 -4.03
C PRO D 36 18.38 -14.98 -3.49
N VAL D 37 18.31 -16.30 -3.33
CA VAL D 37 17.27 -17.01 -2.55
C VAL D 37 17.97 -17.55 -1.30
N SER D 38 17.46 -17.23 -0.12
CA SER D 38 18.12 -17.60 1.15
C SER D 38 17.14 -18.38 2.06
N ILE D 39 17.72 -19.25 2.89
CA ILE D 39 17.02 -19.93 4.00
C ILE D 39 17.78 -19.57 5.26
N GLY D 40 17.07 -19.05 6.26
CA GLY D 40 17.69 -18.43 7.45
C GLY D 40 18.87 -17.53 7.12
N GLY D 41 18.80 -16.77 6.03
CA GLY D 41 19.87 -15.82 5.64
C GLY D 41 21.04 -16.48 4.93
N VAL D 42 21.02 -17.79 4.69
CA VAL D 42 22.10 -18.46 3.90
C VAL D 42 21.62 -18.63 2.47
N VAL D 43 22.46 -18.30 1.51
CA VAL D 43 22.10 -18.38 0.07
C VAL D 43 22.05 -19.85 -0.33
N VAL D 44 20.89 -20.30 -0.84
CA VAL D 44 20.63 -21.67 -1.36
C VAL D 44 20.32 -21.66 -2.86
N GLY D 45 20.18 -20.49 -3.47
CA GLY D 45 19.85 -20.40 -4.89
C GLY D 45 19.86 -19.00 -5.42
N ARG D 46 19.35 -18.89 -6.64
CA ARG D 46 19.33 -17.66 -7.47
C ARG D 46 17.99 -17.57 -8.18
N VAL D 47 17.48 -16.36 -8.31
CA VAL D 47 16.48 -16.01 -9.34
C VAL D 47 17.15 -16.21 -10.70
N ALA D 48 16.59 -17.09 -11.53
CA ALA D 48 17.11 -17.43 -12.87
C ALA D 48 16.43 -16.51 -13.89
N ASP D 49 15.12 -16.34 -13.77
CA ASP D 49 14.33 -15.52 -14.71
C ASP D 49 13.17 -14.83 -13.98
N ILE D 50 12.79 -13.66 -14.49
CA ILE D 50 11.54 -12.94 -14.14
C ILE D 50 10.85 -12.59 -15.46
N THR D 51 9.60 -13.01 -15.63
CA THR D 51 8.81 -12.47 -16.72
C THR D 51 7.48 -12.06 -16.14
N LEU D 52 6.90 -11.06 -16.80
CA LEU D 52 5.53 -10.66 -16.54
C LEU D 52 4.68 -11.43 -17.53
N ASP D 53 3.71 -12.20 -17.02
CA ASP D 53 2.76 -12.97 -17.85
C ASP D 53 1.87 -11.98 -18.59
N PRO D 54 1.89 -11.93 -19.94
CA PRO D 54 1.06 -10.96 -20.64
C PRO D 54 -0.43 -11.18 -20.40
N LYS D 55 -0.82 -12.40 -20.00
CA LYS D 55 -2.24 -12.77 -19.84
C LYS D 55 -2.76 -12.37 -18.45
N THR D 56 -2.00 -12.54 -17.38
CA THR D 56 -2.45 -12.29 -15.99
C THR D 56 -1.87 -10.97 -15.42
N TYR D 57 -0.82 -10.45 -16.07
CA TYR D 57 0.00 -9.29 -15.64
C TYR D 57 0.53 -9.57 -14.23
N LEU D 58 0.77 -10.84 -13.90
CA LEU D 58 1.47 -11.20 -12.65
C LEU D 58 2.90 -11.61 -12.99
N PRO D 59 3.90 -11.06 -12.26
CA PRO D 59 5.28 -11.52 -12.39
C PRO D 59 5.45 -12.97 -11.93
N ARG D 60 6.21 -13.72 -12.72
CA ARG D 60 6.52 -15.15 -12.46
C ARG D 60 8.03 -15.23 -12.35
N VAL D 61 8.46 -15.79 -11.24
CA VAL D 61 9.89 -15.91 -10.88
C VAL D 61 10.29 -17.38 -11.03
N THR D 62 11.42 -17.61 -11.68
CA THR D 62 12.05 -18.93 -11.82
C THR D 62 13.25 -18.94 -10.90
N LEU D 63 13.32 -19.94 -10.02
CA LEU D 63 14.46 -20.11 -9.09
C LEU D 63 15.23 -21.36 -9.48
N GLU D 64 16.56 -21.28 -9.33
CA GLU D 64 17.46 -22.45 -9.28
C GLU D 64 17.92 -22.62 -7.82
N ILE D 65 17.38 -23.62 -7.12
CA ILE D 65 17.81 -24.05 -5.76
C ILE D 65 18.88 -25.14 -5.88
N GLU D 66 19.92 -25.11 -5.05
CA GLU D 66 21.01 -26.13 -5.06
C GLU D 66 20.44 -27.48 -4.58
N GLN D 67 20.77 -28.57 -5.28
CA GLN D 67 20.14 -29.91 -5.05
C GLN D 67 20.35 -30.34 -3.61
N ARG D 68 21.39 -29.89 -2.95
CA ARG D 68 21.69 -30.33 -1.55
C ARG D 68 20.61 -29.81 -0.59
N TYR D 69 19.90 -28.74 -0.92
CA TYR D 69 18.77 -28.22 -0.11
C TYR D 69 17.46 -28.79 -0.69
N ASN D 70 17.06 -29.98 -0.19
CA ASN D 70 16.19 -30.86 -1.01
C ASN D 70 14.91 -31.42 -0.40
N HIS D 71 14.56 -31.24 0.87
CA HIS D 71 13.31 -31.91 1.36
C HIS D 71 12.44 -30.82 1.96
N ILE D 72 12.32 -29.76 1.20
CA ILE D 72 11.58 -28.53 1.57
C ILE D 72 10.10 -28.79 1.34
N PRO D 73 9.27 -28.74 2.38
CA PRO D 73 7.84 -28.96 2.22
C PRO D 73 7.17 -27.92 1.33
N ASP D 74 6.15 -28.35 0.60
CA ASP D 74 5.22 -27.53 -0.22
C ASP D 74 4.65 -26.36 0.55
N THR D 75 4.43 -26.50 1.86
CA THR D 75 3.76 -25.48 2.70
C THR D 75 4.76 -24.34 2.96
N SER D 76 6.00 -24.45 2.49
CA SER D 76 7.05 -23.41 2.59
C SER D 76 6.58 -22.18 1.80
N SER D 77 7.03 -21.00 2.22
CA SER D 77 6.62 -19.70 1.67
C SER D 77 7.85 -18.97 1.10
N LEU D 78 7.66 -18.08 0.15
CA LEU D 78 8.68 -17.15 -0.36
C LEU D 78 8.25 -15.72 -0.07
N SER D 79 9.16 -14.94 0.53
CA SER D 79 8.96 -13.51 0.83
C SER D 79 10.03 -12.74 0.09
N ILE D 80 9.60 -11.64 -0.51
CA ILE D 80 10.55 -10.57 -0.95
C ILE D 80 10.92 -9.76 0.30
N ARG D 81 12.19 -9.70 0.64
CA ARG D 81 12.76 -8.91 1.75
C ARG D 81 13.84 -8.01 1.17
N THR D 82 14.29 -7.04 1.96
CA THR D 82 15.45 -6.16 1.67
C THR D 82 16.51 -6.38 2.75
N SER D 83 17.79 -6.41 2.39
CA SER D 83 18.91 -6.60 3.34
C SER D 83 19.31 -5.24 3.92
N GLY D 84 18.92 -4.95 5.17
CA GLY D 84 19.01 -3.62 5.82
C GLY D 84 18.11 -2.60 5.14
N LEU D 85 18.12 -1.36 5.61
CA LEU D 85 17.30 -0.24 5.05
C LEU D 85 17.63 -0.02 3.58
N LEU D 86 18.92 0.12 3.22
CA LEU D 86 19.35 0.64 1.90
C LEU D 86 19.85 -0.49 0.98
N GLY D 87 19.50 -1.74 1.25
CA GLY D 87 20.14 -2.91 0.61
C GLY D 87 19.43 -3.42 -0.62
N GLU D 88 19.91 -4.56 -1.14
CA GLU D 88 19.38 -5.26 -2.34
C GLU D 88 18.16 -6.07 -1.88
N GLN D 89 17.19 -6.29 -2.77
CA GLN D 89 16.04 -7.20 -2.53
C GLN D 89 16.52 -8.66 -2.74
N TYR D 90 15.96 -9.58 -1.96
CA TYR D 90 16.24 -11.02 -2.04
C TYR D 90 14.97 -11.81 -1.75
N LEU D 91 14.99 -13.11 -2.01
CA LEU D 91 13.88 -14.01 -1.68
C LEU D 91 14.27 -14.81 -0.45
N ALA D 92 13.38 -14.82 0.53
CA ALA D 92 13.52 -15.59 1.79
C ALA D 92 12.58 -16.77 1.64
N LEU D 93 13.16 -17.96 1.61
CA LEU D 93 12.39 -19.22 1.65
C LEU D 93 12.19 -19.57 3.12
N ASN D 94 10.95 -19.52 3.60
CA ASN D 94 10.62 -19.94 4.97
C ASN D 94 10.11 -21.38 4.92
N VAL D 95 10.90 -22.29 5.47
CA VAL D 95 10.67 -23.77 5.48
C VAL D 95 9.45 -24.12 6.32
N GLY D 96 8.44 -24.72 5.71
CA GLY D 96 7.11 -24.95 6.32
C GLY D 96 7.09 -26.16 7.23
N PHE D 97 6.09 -26.24 8.08
CA PHE D 97 5.66 -27.47 8.78
C PHE D 97 4.88 -28.35 7.81
N GLU D 98 5.17 -29.66 7.79
CA GLU D 98 4.18 -30.67 7.29
C GLU D 98 4.00 -31.82 8.29
N ASP D 99 2.79 -32.07 8.81
CA ASP D 99 2.49 -33.26 9.66
C ASP D 99 2.65 -34.47 8.75
N PRO D 100 3.62 -35.37 9.00
CA PRO D 100 3.84 -36.52 8.11
C PRO D 100 2.64 -37.47 8.01
N GLU D 101 1.88 -37.64 9.13
CA GLU D 101 0.62 -38.42 9.22
C GLU D 101 -0.44 -37.96 8.19
N LEU D 102 -0.34 -36.72 7.67
CA LEU D 102 -1.34 -36.12 6.72
C LEU D 102 -0.66 -35.87 5.37
N GLY D 103 0.35 -36.66 5.04
CA GLY D 103 1.03 -36.58 3.72
C GLY D 103 2.26 -35.70 3.80
N THR D 104 3.25 -36.07 2.98
CA THR D 104 4.69 -35.70 3.04
C THR D 104 4.99 -35.15 1.65
N ALA D 105 4.52 -33.94 1.35
CA ALA D 105 4.56 -33.26 0.04
C ALA D 105 5.72 -32.25 0.02
N ILE D 106 6.65 -32.49 -0.90
CA ILE D 106 8.02 -31.92 -1.05
C ILE D 106 8.12 -31.09 -2.33
N LEU D 107 8.84 -29.98 -2.33
CA LEU D 107 9.11 -29.20 -3.57
C LEU D 107 10.18 -29.90 -4.40
N LYS D 108 9.93 -30.21 -5.68
CA LYS D 108 10.81 -30.99 -6.59
C LYS D 108 11.02 -30.22 -7.89
N ASP D 109 12.00 -30.56 -8.70
CA ASP D 109 12.26 -29.91 -10.01
C ASP D 109 10.90 -29.66 -10.69
N GLY D 110 10.60 -28.41 -11.08
CA GLY D 110 9.38 -28.05 -11.83
C GLY D 110 8.22 -27.59 -10.96
N ASP D 111 8.29 -27.78 -9.65
CA ASP D 111 7.14 -27.43 -8.79
C ASP D 111 7.05 -25.90 -8.62
N THR D 112 5.87 -25.45 -8.20
CA THR D 112 5.54 -24.03 -7.92
C THR D 112 5.39 -23.89 -6.41
N ILE D 113 6.02 -22.87 -5.83
CA ILE D 113 5.74 -22.45 -4.43
C ILE D 113 4.49 -21.59 -4.46
N GLN D 114 3.44 -22.04 -3.77
CA GLN D 114 2.09 -21.44 -3.82
C GLN D 114 2.02 -20.25 -2.86
N ASP D 115 2.72 -20.31 -1.74
CA ASP D 115 2.63 -19.28 -0.67
C ASP D 115 3.73 -18.24 -0.85
N THR D 116 3.34 -17.04 -1.33
CA THR D 116 4.23 -15.91 -1.70
C THR D 116 3.78 -14.66 -0.97
N LYS D 117 4.75 -13.83 -0.60
CA LYS D 117 4.52 -12.51 0.03
C LYS D 117 5.30 -11.50 -0.80
N SER D 118 4.56 -10.51 -1.32
CA SER D 118 5.04 -9.51 -2.29
C SER D 118 5.78 -8.40 -1.54
N ALA D 119 6.63 -7.67 -2.27
CA ALA D 119 7.36 -6.46 -1.84
C ALA D 119 6.42 -5.56 -1.05
N MET D 120 6.92 -5.08 0.11
CA MET D 120 6.33 -4.03 0.97
C MET D 120 5.69 -2.94 0.09
N GLU E 16 -10.77 -27.48 28.36
CA GLU E 16 -9.82 -28.24 27.48
C GLU E 16 -8.79 -28.94 28.36
N PRO E 17 -8.43 -30.21 28.05
CA PRO E 17 -7.21 -30.78 28.59
C PRO E 17 -6.01 -30.10 27.92
N THR E 18 -4.93 -29.91 28.69
CA THR E 18 -3.68 -29.27 28.24
C THR E 18 -2.52 -30.19 28.55
N TYR E 19 -1.36 -29.93 27.96
CA TYR E 19 -0.05 -30.52 28.35
C TYR E 19 0.93 -29.39 28.66
N THR E 20 1.98 -29.69 29.42
CA THR E 20 2.92 -28.72 29.97
C THR E 20 4.21 -28.72 29.15
N LEU E 21 4.69 -27.54 28.78
CA LEU E 21 6.03 -27.37 28.20
C LEU E 21 6.80 -26.35 29.03
N TYR E 22 8.11 -26.43 29.00
CA TYR E 22 9.00 -25.51 29.74
C TYR E 22 9.87 -24.79 28.71
N ALA E 23 10.33 -23.59 29.07
CA ALA E 23 11.23 -22.79 28.24
C ALA E 23 11.99 -21.81 29.13
N THR E 24 13.25 -21.58 28.85
CA THR E 24 14.14 -20.63 29.52
C THR E 24 14.48 -19.51 28.56
N PHE E 25 14.32 -18.27 29.02
CA PHE E 25 14.67 -17.01 28.29
C PHE E 25 15.77 -16.26 29.06
N ASP E 26 16.52 -15.41 28.37
CA ASP E 26 17.41 -14.41 29.03
C ASP E 26 16.52 -13.35 29.70
N ASN E 27 15.42 -12.97 29.05
CA ASN E 27 14.55 -11.87 29.55
C ASN E 27 13.13 -12.11 29.09
N ILE E 28 12.15 -12.15 30.00
CA ILE E 28 10.72 -12.39 29.67
C ILE E 28 9.95 -11.07 29.57
N GLY E 29 10.62 -9.92 29.70
CA GLY E 29 10.00 -8.60 29.61
C GLY E 29 8.70 -8.51 30.38
N GLY E 30 7.61 -8.15 29.69
CA GLY E 30 6.28 -7.93 30.31
C GLY E 30 5.44 -9.18 30.35
N LEU E 31 6.01 -10.35 30.01
CA LEU E 31 5.28 -11.63 30.11
C LEU E 31 4.89 -11.88 31.55
N LYS E 32 3.65 -12.30 31.78
CA LYS E 32 3.09 -12.64 33.12
C LYS E 32 2.26 -13.91 32.95
N ALA E 33 1.90 -14.55 34.06
CA ALA E 33 1.00 -15.73 34.06
C ALA E 33 -0.30 -15.31 33.38
N ARG E 34 -0.90 -16.24 32.62
CA ARG E 34 -2.15 -16.06 31.84
C ARG E 34 -1.87 -15.35 30.51
N SER E 35 -0.62 -14.95 30.22
CA SER E 35 -0.21 -14.44 28.89
C SER E 35 -0.45 -15.52 27.84
N PRO E 36 -1.00 -15.16 26.67
CA PRO E 36 -1.22 -16.16 25.63
C PRO E 36 0.05 -16.72 25.00
N VAL E 37 -0.04 -17.97 24.57
CA VAL E 37 0.88 -18.64 23.61
C VAL E 37 0.11 -18.81 22.30
N SER E 38 0.64 -18.31 21.20
CA SER E 38 -0.08 -18.29 19.90
C SER E 38 0.77 -18.90 18.79
N ILE E 39 0.11 -19.46 17.79
CA ILE E 39 0.70 -19.94 16.51
C ILE E 39 0.04 -19.25 15.32
N GLY E 40 0.78 -18.44 14.62
CA GLY E 40 0.28 -17.45 13.65
C GLY E 40 -0.84 -16.60 14.23
N GLY E 41 -0.72 -16.16 15.45
CA GLY E 41 -1.72 -15.28 16.09
C GLY E 41 -2.94 -16.02 16.62
N VAL E 42 -3.03 -17.33 16.51
CA VAL E 42 -4.16 -18.09 17.13
C VAL E 42 -3.68 -18.66 18.47
N VAL E 43 -4.51 -18.48 19.49
CA VAL E 43 -4.14 -18.89 20.87
C VAL E 43 -4.24 -20.41 20.95
N VAL E 44 -3.13 -21.04 21.35
CA VAL E 44 -3.02 -22.51 21.58
C VAL E 44 -2.68 -22.81 23.04
N GLY E 45 -2.36 -21.81 23.85
CA GLY E 45 -2.07 -22.05 25.27
C GLY E 45 -1.95 -20.78 26.08
N ARG E 46 -1.45 -20.96 27.30
CA ARG E 46 -1.27 -19.92 28.34
C ARG E 46 0.06 -20.15 29.03
N VAL E 47 0.74 -19.06 29.39
CA VAL E 47 1.79 -19.10 30.45
C VAL E 47 1.09 -19.45 31.76
N ALA E 48 1.53 -20.55 32.40
CA ALA E 48 0.97 -21.05 33.67
C ALA E 48 1.79 -20.45 34.81
N ASP E 49 3.11 -20.44 34.70
CA ASP E 49 4.01 -19.95 35.77
C ASP E 49 5.26 -19.33 35.14
N ILE E 50 5.86 -18.39 35.86
CA ILE E 50 7.21 -17.83 35.59
C ILE E 50 7.95 -17.85 36.92
N THR E 51 9.13 -18.44 36.94
CA THR E 51 10.04 -18.33 38.10
C THR E 51 11.42 -18.02 37.57
N LEU E 52 12.17 -17.29 38.35
CA LEU E 52 13.59 -16.99 38.07
C LEU E 52 14.37 -18.03 38.84
N ASP E 53 15.20 -18.79 38.14
CA ASP E 53 16.10 -19.80 38.76
C ASP E 53 17.14 -19.06 39.60
N PRO E 54 17.19 -19.25 40.92
CA PRO E 54 18.18 -18.52 41.73
C PRO E 54 19.62 -18.89 41.34
N LYS E 55 19.82 -20.05 40.73
CA LYS E 55 21.16 -20.59 40.43
C LYS E 55 21.67 -20.04 39.10
N THR E 56 20.85 -19.88 38.06
CA THR E 56 21.31 -19.36 36.74
C THR E 56 20.90 -17.89 36.52
N TYR E 57 19.95 -17.39 37.32
CA TYR E 57 19.29 -16.06 37.17
C TYR E 57 18.67 -15.96 35.79
N LEU E 58 18.26 -17.09 35.21
CA LEU E 58 17.45 -17.10 33.97
C LEU E 58 16.01 -17.42 34.32
N PRO E 59 15.05 -16.63 33.81
CA PRO E 59 13.64 -16.96 33.96
C PRO E 59 13.25 -18.23 33.21
N ARG E 60 12.42 -19.04 33.86
CA ARG E 60 11.90 -20.31 33.30
C ARG E 60 10.38 -20.18 33.26
N VAL E 61 9.83 -20.45 32.09
CA VAL E 61 8.39 -20.31 31.81
C VAL E 61 7.77 -21.70 31.70
N THR E 62 6.63 -21.87 32.34
CA THR E 62 5.79 -23.08 32.24
C THR E 62 4.60 -22.72 31.38
N LEU E 63 4.36 -23.48 30.31
CA LEU E 63 3.23 -23.29 29.39
C LEU E 63 2.27 -24.45 29.54
N GLU E 64 0.97 -24.16 29.43
CA GLU E 64 -0.11 -25.15 29.21
C GLU E 64 -0.58 -25.00 27.76
N ILE E 65 -0.19 -25.92 26.88
CA ILE E 65 -0.65 -26.03 25.46
C ILE E 65 -1.90 -26.94 25.41
N GLU E 66 -2.91 -26.58 24.63
CA GLU E 66 -4.16 -27.35 24.47
C GLU E 66 -3.83 -28.69 23.78
N GLN E 67 -4.38 -29.81 24.28
CA GLN E 67 -3.97 -31.18 23.84
C GLN E 67 -4.24 -31.34 22.34
N ARG E 68 -5.18 -30.57 21.77
CA ARG E 68 -5.49 -30.72 20.33
C ARG E 68 -4.31 -30.26 19.45
N TYR E 69 -3.43 -29.40 19.96
CA TYR E 69 -2.21 -28.97 19.23
C TYR E 69 -1.04 -29.81 19.71
N ASN E 70 -0.84 -30.99 19.14
CA ASN E 70 -0.04 -32.07 19.78
C ASN E 70 0.96 -32.75 18.84
N HIS E 71 1.23 -32.19 17.68
CA HIS E 71 2.21 -32.76 16.74
C HIS E 71 3.24 -31.64 16.49
N ILE E 72 3.56 -30.85 17.54
CA ILE E 72 4.51 -29.70 17.40
C ILE E 72 5.92 -30.26 17.46
N PRO E 73 6.74 -30.09 16.41
CA PRO E 73 8.11 -30.60 16.45
C PRO E 73 8.96 -29.91 17.52
N ASP E 74 9.89 -30.68 18.07
CA ASP E 74 10.94 -30.24 19.04
C ASP E 74 11.73 -29.06 18.54
N THR E 75 11.91 -28.94 17.23
CA THR E 75 12.74 -27.87 16.60
C THR E 75 11.99 -26.55 16.64
N SER E 76 10.75 -26.53 17.12
CA SER E 76 9.91 -25.31 17.26
C SER E 76 10.56 -24.35 18.25
N SER E 77 10.31 -23.05 18.09
CA SER E 77 10.95 -21.95 18.80
C SER E 77 9.86 -21.09 19.47
N LEU E 78 10.21 -20.35 20.52
CA LEU E 78 9.31 -19.40 21.21
C LEU E 78 9.92 -18.00 21.15
N SER E 79 9.12 -16.98 20.85
CA SER E 79 9.52 -15.55 20.83
C SER E 79 8.59 -14.77 21.70
N ILE E 80 9.16 -13.86 22.47
CA ILE E 80 8.34 -12.84 23.20
C ILE E 80 8.06 -11.72 22.20
N ARG E 81 6.80 -11.45 21.91
CA ARG E 81 6.33 -10.38 20.99
C ARG E 81 5.33 -9.52 21.76
N THR E 82 4.98 -8.35 21.21
CA THR E 82 3.92 -7.44 21.69
C THR E 82 2.84 -7.32 20.62
N SER E 83 1.56 -7.31 21.00
CA SER E 83 0.41 -7.22 20.05
C SER E 83 0.12 -5.75 19.73
N GLY E 84 0.54 -5.30 18.54
CA GLY E 84 0.53 -3.88 18.14
C GLY E 84 1.49 -3.05 18.97
N LEU E 85 1.53 -1.74 18.72
CA LEU E 85 2.45 -0.80 19.42
C LEU E 85 2.19 -0.82 20.93
N LEU E 86 0.94 -0.66 21.36
CA LEU E 86 0.59 -0.35 22.77
C LEU E 86 0.09 -1.59 23.53
N GLY E 87 0.32 -2.80 23.01
CA GLY E 87 -0.42 -4.01 23.44
C GLY E 87 0.28 -4.80 24.53
N GLU E 88 -0.29 -5.96 24.85
CA GLU E 88 0.23 -6.88 25.89
C GLU E 88 1.30 -7.76 25.24
N GLN E 89 2.26 -8.26 26.02
CA GLN E 89 3.26 -9.27 25.60
C GLN E 89 2.62 -10.66 25.52
N TYR E 90 3.07 -11.47 24.55
CA TYR E 90 2.62 -12.86 24.36
C TYR E 90 3.79 -13.70 23.86
N LEU E 91 3.61 -15.02 23.85
CA LEU E 91 4.61 -15.95 23.30
C LEU E 91 4.14 -16.41 21.93
N ALA E 92 5.01 -16.31 20.94
CA ALA E 92 4.78 -16.76 19.56
C ALA E 92 5.53 -18.07 19.41
N LEU E 93 4.80 -19.15 19.21
CA LEU E 93 5.36 -20.48 18.90
C LEU E 93 5.53 -20.53 17.39
N ASN E 94 6.78 -20.59 16.92
CA ASN E 94 7.09 -20.77 15.49
CA ASN E 94 7.16 -20.77 15.49
C ASN E 94 7.36 -22.27 15.29
N VAL E 95 6.44 -22.92 14.58
CA VAL E 95 6.40 -24.38 14.36
C VAL E 95 7.55 -24.77 13.45
N GLY E 96 8.42 -25.67 13.93
CA GLY E 96 9.71 -25.94 13.29
C GLY E 96 9.58 -26.95 12.18
N PHE E 97 10.68 -27.14 11.48
CA PHE E 97 10.87 -28.16 10.43
C PHE E 97 11.03 -29.53 11.08
N GLU E 98 10.33 -30.51 10.52
CA GLU E 98 10.40 -31.94 10.92
C GLU E 98 10.98 -32.81 9.79
N ASP E 99 12.28 -33.13 9.85
CA ASP E 99 12.95 -33.98 8.84
C ASP E 99 12.28 -35.35 8.84
N PRO E 100 11.60 -35.78 7.76
CA PRO E 100 11.00 -37.12 7.75
C PRO E 100 12.07 -38.25 7.81
N GLU E 101 13.19 -38.05 7.13
CA GLU E 101 14.22 -39.04 6.72
C GLU E 101 14.87 -39.67 7.95
N LEU E 102 14.95 -38.95 9.08
CA LEU E 102 15.63 -39.39 10.32
C LEU E 102 14.63 -39.52 11.45
N GLY E 103 13.31 -39.49 11.18
CA GLY E 103 12.29 -39.73 12.22
C GLY E 103 11.92 -38.47 12.99
N THR E 104 10.80 -38.56 13.72
CA THR E 104 9.81 -37.47 13.98
C THR E 104 9.71 -37.20 15.49
N ALA E 105 10.44 -36.18 15.97
CA ALA E 105 10.53 -35.80 17.39
C ALA E 105 9.55 -34.65 17.73
N ILE E 106 8.59 -34.98 18.60
CA ILE E 106 7.32 -34.24 18.91
C ILE E 106 7.35 -33.78 20.37
N LEU E 107 6.86 -32.58 20.67
CA LEU E 107 6.77 -32.08 22.05
C LEU E 107 5.61 -32.78 22.79
N LYS E 108 5.88 -33.29 24.00
CA LYS E 108 4.91 -34.04 24.85
C LYS E 108 4.91 -33.44 26.25
N ASP E 109 3.91 -33.75 27.08
CA ASP E 109 3.85 -33.25 28.48
C ASP E 109 5.25 -33.34 29.09
N GLY E 110 5.76 -32.24 29.64
CA GLY E 110 7.04 -32.20 30.38
C GLY E 110 8.22 -31.80 29.52
N ASP E 111 8.08 -31.75 28.21
CA ASP E 111 9.24 -31.41 27.35
C ASP E 111 9.57 -29.90 27.48
N THR E 112 10.79 -29.56 27.05
CA THR E 112 11.36 -28.21 27.05
C THR E 112 11.48 -27.76 25.59
N ILE E 113 11.01 -26.56 25.27
CA ILE E 113 11.37 -25.87 24.00
C ILE E 113 12.74 -25.23 24.20
N GLN E 114 13.72 -25.63 23.41
CA GLN E 114 15.15 -25.27 23.59
C GLN E 114 15.40 -23.89 22.94
N ASP E 115 14.72 -23.60 21.83
CA ASP E 115 15.00 -22.42 20.99
C ASP E 115 14.04 -21.28 21.39
N THR E 116 14.59 -20.26 22.07
CA THR E 116 13.86 -19.10 22.63
C THR E 116 14.48 -17.80 22.13
N LYS E 117 13.66 -16.77 21.98
CA LYS E 117 14.07 -15.39 21.63
C LYS E 117 13.40 -14.47 22.66
N SER E 118 14.20 -13.70 23.37
CA SER E 118 13.84 -12.90 24.57
C SER E 118 13.24 -11.55 24.10
N ALA E 119 12.54 -10.90 25.04
CA ALA E 119 12.06 -9.49 24.95
C ALA E 119 13.21 -8.65 24.40
N MET E 120 12.96 -7.91 23.31
CA MET E 120 13.88 -6.88 22.74
C MET E 120 13.89 -5.50 23.43
N VAL E 121 15.05 -5.04 23.90
CA VAL E 121 15.20 -3.87 24.81
C VAL E 121 15.47 -2.59 23.98
N LEU E 122 15.80 -1.47 24.65
CA LEU E 122 15.75 -0.06 24.15
C LEU E 122 16.79 -0.18 23.01
N GLU E 123 16.32 -0.15 21.76
CA GLU E 123 17.18 -0.07 20.54
C GLU E 123 18.30 -1.11 20.51
N GLU F 16 14.55 30.64 -22.57
CA GLU F 16 13.16 31.12 -22.29
C GLU F 16 13.21 32.55 -21.75
N PRO F 17 12.29 33.44 -22.22
CA PRO F 17 12.03 34.69 -21.52
C PRO F 17 11.33 34.38 -20.19
N THR F 18 11.62 35.19 -19.18
CA THR F 18 11.05 35.08 -17.82
C THR F 18 10.45 36.41 -17.40
N TYR F 19 9.67 36.41 -16.33
CA TYR F 19 9.23 37.61 -15.59
C TYR F 19 9.60 37.45 -14.11
N THR F 20 9.66 38.55 -13.38
CA THR F 20 10.17 38.62 -12.00
C THR F 20 9.01 38.72 -11.01
N LEU F 21 9.05 37.92 -9.96
CA LEU F 21 8.11 38.02 -8.83
C LEU F 21 8.92 38.11 -7.55
N TYR F 22 8.34 38.71 -6.54
CA TYR F 22 8.98 38.90 -5.22
C TYR F 22 8.15 38.17 -4.18
N ALA F 23 8.79 37.69 -3.13
CA ALA F 23 8.12 37.03 -2.00
C ALA F 23 8.97 37.19 -0.74
N THR F 24 8.33 37.44 0.38
CA THR F 24 8.96 37.58 1.71
C THR F 24 8.55 36.40 2.57
N PHE F 25 9.54 35.76 3.21
CA PHE F 25 9.37 34.61 4.14
C PHE F 25 9.88 34.98 5.53
N ASP F 26 9.40 34.32 6.57
CA ASP F 26 9.99 34.41 7.93
C ASP F 26 11.35 33.69 7.90
N ASN F 27 11.45 32.58 7.18
CA ASN F 27 12.68 31.77 7.16
C ASN F 27 12.76 31.05 5.82
N ILE F 28 13.87 31.21 5.09
CA ILE F 28 14.06 30.59 3.76
C ILE F 28 14.89 29.31 3.88
N GLY F 29 15.23 28.87 5.09
CA GLY F 29 15.97 27.62 5.34
C GLY F 29 17.15 27.46 4.40
N GLY F 30 17.18 26.34 3.67
CA GLY F 30 18.28 25.98 2.76
C GLY F 30 18.11 26.52 1.34
N LEU F 31 17.10 27.36 1.11
CA LEU F 31 16.86 27.97 -0.21
C LEU F 31 18.06 28.83 -0.56
N LYS F 32 18.54 28.72 -1.79
CA LYS F 32 19.68 29.51 -2.33
C LYS F 32 19.31 29.94 -3.75
N ALA F 33 20.05 30.89 -4.32
CA ALA F 33 19.90 31.30 -5.73
C ALA F 33 20.05 30.05 -6.61
N ARG F 34 19.26 29.98 -7.69
CA ARG F 34 19.24 28.86 -8.67
C ARG F 34 18.35 27.72 -8.17
N SER F 35 17.81 27.80 -6.93
CA SER F 35 16.79 26.84 -6.41
C SER F 35 15.58 26.86 -7.32
N PRO F 36 15.01 25.70 -7.66
CA PRO F 36 13.81 25.67 -8.49
C PRO F 36 12.56 26.22 -7.82
N VAL F 37 11.69 26.77 -8.65
CA VAL F 37 10.26 27.06 -8.35
C VAL F 37 9.43 26.08 -9.18
N SER F 38 8.54 25.34 -8.55
CA SER F 38 7.78 24.25 -9.21
C SER F 38 6.29 24.40 -8.91
N ILE F 39 5.48 23.88 -9.81
CA ILE F 39 4.01 23.69 -9.68
C ILE F 39 3.75 22.22 -9.89
N GLY F 40 3.15 21.57 -8.92
CA GLY F 40 3.04 20.11 -8.85
C GLY F 40 4.31 19.39 -9.23
N GLY F 41 5.45 19.88 -8.80
CA GLY F 41 6.76 19.25 -9.07
C GLY F 41 7.30 19.51 -10.47
N VAL F 42 6.64 20.34 -11.28
CA VAL F 42 7.20 20.73 -12.60
C VAL F 42 7.86 22.08 -12.43
N VAL F 43 9.07 22.20 -12.98
CA VAL F 43 9.86 23.44 -12.81
C VAL F 43 9.28 24.48 -13.74
N VAL F 44 8.88 25.64 -13.17
CA VAL F 44 8.37 26.82 -13.90
C VAL F 44 9.28 28.02 -13.70
N GLY F 45 10.28 27.96 -12.83
CA GLY F 45 11.18 29.10 -12.58
C GLY F 45 12.38 28.78 -11.71
N ARG F 46 13.08 29.84 -11.30
CA ARG F 46 14.31 29.82 -10.47
C ARG F 46 14.26 30.96 -9.45
N VAL F 47 14.77 30.72 -8.25
CA VAL F 47 15.21 31.81 -7.33
C VAL F 47 16.38 32.56 -7.99
N ALA F 48 16.24 33.84 -8.22
CA ALA F 48 17.26 34.71 -8.85
C ALA F 48 18.14 35.33 -7.76
N ASP F 49 17.53 35.81 -6.68
CA ASP F 49 18.25 36.49 -5.58
C ASP F 49 17.54 36.23 -4.26
N ILE F 50 18.27 36.27 -3.16
CA ILE F 50 17.77 36.30 -1.77
C ILE F 50 18.52 37.42 -1.05
N THR F 51 17.81 38.34 -0.43
CA THR F 51 18.42 39.35 0.46
C THR F 51 17.59 39.43 1.71
N LEU F 52 18.23 39.74 2.82
CA LEU F 52 17.57 39.97 4.11
C LEU F 52 17.39 41.47 4.20
N ASP F 53 16.15 41.93 4.33
CA ASP F 53 15.82 43.37 4.46
C ASP F 53 16.34 43.84 5.81
N PRO F 54 17.27 44.80 5.88
CA PRO F 54 17.79 45.23 7.18
C PRO F 54 16.68 45.85 8.06
N LYS F 55 15.62 46.34 7.43
CA LYS F 55 14.55 47.12 8.12
C LYS F 55 13.52 46.17 8.72
N THR F 56 13.14 45.06 8.08
CA THR F 56 12.16 44.10 8.66
C THR F 56 12.85 42.84 9.23
N TYR F 57 14.10 42.58 8.86
CA TYR F 57 14.85 41.32 9.12
C TYR F 57 14.05 40.12 8.60
N LEU F 58 13.27 40.35 7.54
CA LEU F 58 12.62 39.26 6.79
C LEU F 58 13.37 39.06 5.49
N PRO F 59 13.71 37.80 5.15
CA PRO F 59 14.28 37.49 3.84
C PRO F 59 13.27 37.74 2.71
N ARG F 60 13.76 38.30 1.62
CA ARG F 60 12.98 38.60 0.40
C ARG F 60 13.64 37.84 -0.74
N VAL F 61 12.81 37.09 -1.44
CA VAL F 61 13.20 36.23 -2.57
C VAL F 61 12.74 36.89 -3.87
N THR F 62 13.62 36.90 -4.86
CA THR F 62 13.33 37.31 -6.23
C THR F 62 13.26 36.04 -7.07
N LEU F 63 12.16 35.85 -7.77
CA LEU F 63 11.93 34.69 -8.67
C LEU F 63 11.90 35.15 -10.11
N GLU F 64 12.44 34.32 -10.99
CA GLU F 64 12.25 34.40 -12.47
C GLU F 64 11.35 33.25 -12.87
N ILE F 65 10.07 33.52 -13.16
CA ILE F 65 9.06 32.55 -13.71
C ILE F 65 9.08 32.61 -15.24
N GLU F 66 8.99 31.47 -15.91
CA GLU F 66 8.97 31.38 -17.39
C GLU F 66 7.72 32.08 -17.94
N GLN F 67 7.86 32.90 -18.99
CA GLN F 67 6.77 33.78 -19.50
C GLN F 67 5.57 32.93 -19.90
N ARG F 68 5.78 31.68 -20.29
CA ARG F 68 4.69 30.82 -20.77
C ARG F 68 3.73 30.49 -19.62
N TYR F 69 4.17 30.53 -18.35
CA TYR F 69 3.28 30.35 -17.20
C TYR F 69 2.91 31.74 -16.68
N ASN F 70 1.91 32.37 -17.26
CA ASN F 70 1.64 33.82 -17.09
C ASN F 70 0.19 34.12 -16.74
N HIS F 71 -0.57 33.13 -16.35
CA HIS F 71 -1.97 33.29 -15.96
C HIS F 71 -2.08 32.80 -14.50
N ILE F 72 -1.03 33.02 -13.69
CA ILE F 72 -1.01 32.62 -12.26
C ILE F 72 -1.78 33.65 -11.45
N PRO F 73 -2.87 33.26 -10.77
CA PRO F 73 -3.60 34.19 -9.93
C PRO F 73 -2.77 34.76 -8.79
N ASP F 74 -3.07 36.02 -8.45
CA ASP F 74 -2.53 36.78 -7.30
C ASP F 74 -2.68 36.03 -5.99
N THR F 75 -3.75 35.26 -5.85
CA THR F 75 -4.09 34.55 -4.59
C THR F 75 -3.18 33.33 -4.44
N SER F 76 -2.30 33.06 -5.42
CA SER F 76 -1.35 31.91 -5.37
C SER F 76 -0.36 32.12 -4.21
N SER F 77 0.16 31.02 -3.69
CA SER F 77 0.98 30.94 -2.45
C SER F 77 2.29 30.25 -2.80
N LEU F 78 3.34 30.51 -2.02
CA LEU F 78 4.67 29.85 -2.14
C LEU F 78 4.99 29.11 -0.84
N SER F 79 5.49 27.88 -0.92
CA SER F 79 5.97 27.05 0.20
C SER F 79 7.42 26.67 -0.04
N ILE F 80 8.22 26.76 1.00
CA ILE F 80 9.55 26.12 1.00
C ILE F 80 9.35 24.66 1.35
N ARG F 81 9.75 23.73 0.45
CA ARG F 81 9.67 22.27 0.64
C ARG F 81 11.06 21.68 0.42
N THR F 82 11.26 20.40 0.77
CA THR F 82 12.50 19.61 0.48
C THR F 82 12.13 18.43 -0.40
N SER F 83 12.94 18.09 -1.40
CA SER F 83 12.69 16.98 -2.35
C SER F 83 13.22 15.67 -1.75
N GLY F 84 12.31 14.84 -1.25
CA GLY F 84 12.59 13.61 -0.47
C GLY F 84 13.24 13.96 0.85
N LEU F 85 13.60 12.91 1.61
CA LEU F 85 14.32 12.96 2.92
C LEU F 85 15.61 13.80 2.78
N LEU F 86 16.49 13.47 1.83
CA LEU F 86 17.91 13.93 1.86
C LEU F 86 18.15 15.06 0.84
N GLY F 87 17.11 15.70 0.32
CA GLY F 87 17.19 16.45 -0.95
C GLY F 87 17.45 17.94 -0.78
N GLU F 88 17.38 18.67 -1.89
CA GLU F 88 17.59 20.14 -1.95
C GLU F 88 16.26 20.81 -1.58
N GLN F 89 16.30 22.02 -1.02
CA GLN F 89 15.09 22.87 -0.81
C GLN F 89 14.67 23.53 -2.13
N TYR F 90 13.36 23.69 -2.32
CA TYR F 90 12.76 24.33 -3.52
C TYR F 90 11.52 25.13 -3.10
N LEU F 91 11.00 25.93 -4.01
CA LEU F 91 9.73 26.67 -3.80
C LEU F 91 8.62 25.96 -4.57
N ALA F 92 7.53 25.65 -3.87
CA ALA F 92 6.28 25.11 -4.43
C ALA F 92 5.30 26.26 -4.57
N LEU F 93 4.95 26.58 -5.80
CA LEU F 93 3.85 27.52 -6.12
C LEU F 93 2.55 26.72 -6.10
N ASN F 94 1.66 27.04 -5.16
N ASN F 94 1.66 27.00 -5.14
CA ASN F 94 0.30 26.48 -5.10
CA ASN F 94 0.27 26.51 -5.09
C ASN F 94 -0.64 27.50 -5.76
C ASN F 94 -0.58 27.54 -5.81
N VAL F 95 -1.16 27.12 -6.92
CA VAL F 95 -1.96 27.98 -7.83
C VAL F 95 -3.31 28.28 -7.17
N GLY F 96 -3.63 29.55 -7.03
CA GLY F 96 -4.76 30.02 -6.22
C GLY F 96 -6.08 29.97 -6.94
N PHE F 97 -7.12 30.23 -6.16
CA PHE F 97 -8.50 30.39 -6.64
C PHE F 97 -8.65 31.75 -7.30
N GLU F 98 -9.26 31.73 -8.50
CA GLU F 98 -9.57 32.93 -9.31
C GLU F 98 -11.11 33.14 -9.38
N ASP F 99 -11.67 34.03 -8.56
CA ASP F 99 -13.13 34.28 -8.49
C ASP F 99 -13.56 34.81 -9.85
N PRO F 100 -14.40 34.09 -10.62
CA PRO F 100 -14.81 34.58 -11.95
C PRO F 100 -15.65 35.87 -11.88
N GLU F 101 -16.49 36.00 -10.84
CA GLU F 101 -17.34 37.19 -10.51
C GLU F 101 -16.47 38.45 -10.34
N LEU F 102 -15.18 38.32 -10.04
CA LEU F 102 -14.25 39.47 -9.78
C LEU F 102 -13.21 39.60 -10.90
N GLY F 103 -13.39 38.92 -12.04
CA GLY F 103 -12.45 38.98 -13.18
C GLY F 103 -11.11 38.29 -12.92
N THR F 104 -10.06 38.79 -13.56
CA THR F 104 -8.74 38.11 -13.74
C THR F 104 -7.64 38.94 -13.06
N ALA F 105 -7.30 38.62 -11.79
CA ALA F 105 -6.15 39.24 -11.09
C ALA F 105 -4.94 38.30 -11.15
N ILE F 106 -3.98 38.65 -12.01
CA ILE F 106 -2.92 37.81 -12.59
C ILE F 106 -1.56 38.38 -12.17
N LEU F 107 -0.59 37.53 -11.86
CA LEU F 107 0.77 37.99 -11.51
C LEU F 107 1.53 38.42 -12.79
N LYS F 108 2.17 39.59 -12.75
CA LYS F 108 2.92 40.20 -13.88
C LYS F 108 4.32 40.60 -13.43
N ASP F 109 5.24 40.87 -14.35
CA ASP F 109 6.62 41.29 -14.00
C ASP F 109 6.53 42.30 -12.85
N GLY F 110 7.27 42.10 -11.77
CA GLY F 110 7.36 43.05 -10.66
C GLY F 110 6.38 42.78 -9.52
N ASP F 111 5.41 41.91 -9.71
CA ASP F 111 4.41 41.66 -8.64
C ASP F 111 5.02 40.85 -7.49
N THR F 112 4.35 40.89 -6.35
CA THR F 112 4.72 40.21 -5.11
C THR F 112 3.70 39.11 -4.86
N ILE F 113 4.15 37.90 -4.57
CA ILE F 113 3.28 36.85 -3.97
C ILE F 113 3.20 37.12 -2.47
N GLN F 114 2.01 37.39 -1.95
CA GLN F 114 1.78 37.86 -0.55
C GLN F 114 1.77 36.64 0.38
N ASP F 115 1.26 35.51 -0.08
CA ASP F 115 0.96 34.32 0.75
C ASP F 115 2.13 33.33 0.64
N THR F 116 2.92 33.24 1.72
CA THR F 116 4.17 32.44 1.82
C THR F 116 4.12 31.53 3.04
N LYS F 117 4.79 30.38 2.96
CA LYS F 117 4.96 29.41 4.07
C LYS F 117 6.44 29.06 4.11
N SER F 118 7.03 29.23 5.29
CA SER F 118 8.51 29.20 5.55
C SER F 118 8.93 27.77 5.85
N ALA F 119 10.22 27.58 6.19
CA ALA F 119 10.83 26.44 6.91
C ALA F 119 10.17 25.11 6.49
MG MG G . 1.31 -16.81 -5.34
C CO2 H . 20.91 -12.79 1.82
O1 CO2 H . 21.40 -12.30 0.90
O2 CO2 H . 20.61 -13.47 2.74
#